data_4LMP
#
_entry.id   4LMP
#
_cell.length_a   89.730
_cell.length_b   89.730
_cell.length_c   290.401
_cell.angle_alpha   90.00
_cell.angle_beta   90.00
_cell.angle_gamma   120.00
#
_symmetry.space_group_name_H-M   'H 3 2'
#
loop_
_entity.id
_entity.type
_entity.pdbx_description
1 polymer 'Alanine dehydrogenase'
2 non-polymer N-methyladenosine
3 non-polymer GLYCEROL
4 non-polymer 'SULFATE ION'
5 water water
#
_entity_poly.entity_id   1
_entity_poly.type   'polypeptide(L)'
_entity_poly.pdbx_seq_one_letter_code
;MRVGIPTETKNNEFRVAITPAGVAELTRRGHEVLIQAGAGEGSAITDADFKAAGAQLVGTADQVWADADLLLKVKEPIAA
EYGRLRHGQILFTFLHLAASRACTDALLDSGTTSIAYETVQTADGALPLLAPMSEVAGRLAAQVGAYHLMRTQGGRGVLM
GGVPGVEPADVVVIGAGTAGYNAARIANGMGATVTVLDINIDKLRQLDAEFCGRIHTRYSSAYELEGAVKRADLVIGAVL
VPGAKAPKLVSNSLVAHMKPGAVLVDIAIDQGGCFEGSRPTTYDHPTFAVHDTLFYCVANMPASVPKTSTYALTNATMPY
VLELADHGWRAACRSNPALAKGLSTHEGALLSERVATDLGVPFTEPASVLA
;
_entity_poly.pdbx_strand_id   A
#
# COMPACT_ATOMS: atom_id res chain seq x y z
N MET A 1 -15.11 25.74 4.31
N MET A 1 -15.39 25.80 3.96
CA MET A 1 -14.35 24.52 4.07
CA MET A 1 -14.53 24.62 4.00
C MET A 1 -15.28 23.32 3.96
C MET A 1 -15.38 23.36 3.93
N ARG A 2 -15.20 22.62 2.85
CA ARG A 2 -15.94 21.39 2.65
C ARG A 2 -14.89 20.33 2.36
N VAL A 3 -15.05 19.16 2.99
CA VAL A 3 -14.19 18.01 2.73
C VAL A 3 -15.04 17.03 1.96
N GLY A 4 -14.54 16.57 0.81
CA GLY A 4 -15.30 15.65 -0.02
C GLY A 4 -14.59 14.32 -0.18
N ILE A 5 -15.37 13.26 -0.20
CA ILE A 5 -14.80 11.93 -0.38
C ILE A 5 -15.61 11.22 -1.46
N PRO A 6 -15.00 11.01 -2.63
CA PRO A 6 -15.72 10.30 -3.69
C PRO A 6 -15.56 8.79 -3.58
N THR A 7 -16.39 8.06 -4.32
CA THR A 7 -16.26 6.61 -4.42
C THR A 7 -14.98 6.30 -5.19
N GLU A 8 -14.25 5.27 -4.77
CA GLU A 8 -13.06 4.89 -5.51
C GLU A 8 -13.49 4.21 -6.80
N THR A 9 -12.76 4.47 -7.88
CA THR A 9 -13.19 4.02 -9.21
C THR A 9 -12.31 2.94 -9.84
N LYS A 10 -11.11 2.72 -9.31
CA LYS A 10 -10.24 1.68 -9.86
C LYS A 10 -10.81 0.27 -9.68
N ASN A 11 -10.31 -0.66 -10.51
CA ASN A 11 -10.74 -2.05 -10.50
C ASN A 11 -10.61 -2.71 -9.13
N ASN A 12 -11.72 -3.25 -8.62
CA ASN A 12 -11.76 -3.88 -7.30
C ASN A 12 -11.22 -3.00 -6.16
N GLU A 13 -11.30 -1.68 -6.31
CA GLU A 13 -10.92 -0.81 -5.19
C GLU A 13 -12.13 -0.59 -4.30
N PHE A 14 -12.18 -1.31 -3.19
CA PHE A 14 -13.33 -1.28 -2.30
C PHE A 14 -13.15 -0.38 -1.08
N ARG A 15 -11.94 0.15 -0.87
CA ARG A 15 -11.68 1.00 0.29
C ARG A 15 -12.30 2.39 0.10
N VAL A 16 -12.40 3.13 1.20
CA VAL A 16 -12.90 4.49 1.16
C VAL A 16 -12.01 5.36 2.06
N ALA A 17 -11.93 6.65 1.78
CA ALA A 17 -10.92 7.49 2.43
C ALA A 17 -11.36 8.14 3.74
N ILE A 18 -12.54 7.76 4.25
CA ILE A 18 -12.98 8.25 5.56
C ILE A 18 -13.98 7.26 6.15
N THR A 19 -14.16 7.29 7.48
CA THR A 19 -15.13 6.42 8.15
C THR A 19 -16.05 7.33 8.96
N PRO A 20 -17.16 6.79 9.50
CA PRO A 20 -18.04 7.64 10.31
C PRO A 20 -17.34 8.35 11.46
N ALA A 21 -16.42 7.66 12.14
CA ALA A 21 -15.63 8.31 13.20
C ALA A 21 -14.93 9.57 12.70
N GLY A 22 -14.31 9.49 11.51
CA GLY A 22 -13.61 10.63 10.94
C GLY A 22 -14.58 11.72 10.51
N VAL A 23 -15.73 11.30 9.99
CA VAL A 23 -16.79 12.24 9.62
C VAL A 23 -17.25 13.02 10.86
N ALA A 24 -17.53 12.28 11.94
CA ALA A 24 -17.95 12.89 13.20
C ALA A 24 -16.97 13.96 13.68
N GLU A 25 -15.67 13.63 13.62
CA GLU A 25 -14.65 14.55 14.12
C GLU A 25 -14.52 15.80 13.27
N LEU A 26 -14.69 15.64 11.96
CA LEU A 26 -14.60 16.77 11.05
C LEU A 26 -15.81 17.69 11.23
N THR A 27 -17.00 17.11 11.32
CA THR A 27 -18.22 17.91 11.40
C THR A 27 -18.31 18.62 12.74
N ARG A 28 -17.77 17.96 13.77
CA ARG A 28 -17.73 18.53 15.10
C ARG A 28 -16.87 19.79 15.12
N ARG A 29 -15.81 19.79 14.32
CA ARG A 29 -14.93 20.95 14.20
C ARG A 29 -15.43 21.99 13.20
N GLY A 30 -16.66 21.84 12.73
CA GLY A 30 -17.31 22.84 11.89
C GLY A 30 -17.13 22.69 10.40
N HIS A 31 -16.60 21.55 9.95
CA HIS A 31 -16.40 21.34 8.52
C HIS A 31 -17.56 20.56 7.92
N GLU A 32 -17.97 20.93 6.71
CA GLU A 32 -18.94 20.13 5.97
C GLU A 32 -18.22 18.94 5.35
N VAL A 33 -18.85 17.77 5.41
CA VAL A 33 -18.28 16.56 4.83
C VAL A 33 -19.20 16.02 3.76
N LEU A 34 -18.75 16.07 2.50
CA LEU A 34 -19.56 15.62 1.38
C LEU A 34 -19.08 14.25 0.94
N ILE A 35 -19.97 13.26 0.96
CA ILE A 35 -19.59 11.90 0.57
C ILE A 35 -20.49 11.37 -0.55
N GLN A 36 -19.87 10.83 -1.61
CA GLN A 36 -20.64 10.25 -2.71
C GLN A 36 -21.45 9.05 -2.25
N ALA A 37 -22.71 9.00 -2.67
CA ALA A 37 -23.59 7.89 -2.31
C ALA A 37 -22.95 6.56 -2.68
N GLY A 38 -22.87 5.65 -1.71
CA GLY A 38 -22.32 4.32 -1.91
C GLY A 38 -20.81 4.19 -1.70
N ALA A 39 -20.14 5.31 -1.41
CA ALA A 39 -18.67 5.30 -1.31
C ALA A 39 -18.12 4.31 -0.28
N GLY A 40 -18.83 4.12 0.82
CA GLY A 40 -18.35 3.25 1.89
C GLY A 40 -18.86 1.81 1.83
N GLU A 41 -19.74 1.51 0.89
CA GLU A 41 -20.37 0.19 0.85
C GLU A 41 -19.37 -0.97 0.67
N GLY A 42 -18.29 -0.72 -0.06
CA GLY A 42 -17.27 -1.74 -0.22
C GLY A 42 -16.68 -2.11 1.13
N SER A 43 -16.74 -1.16 2.06
CA SER A 43 -16.13 -1.31 3.38
C SER A 43 -17.15 -1.56 4.48
N ALA A 44 -18.37 -1.93 4.07
CA ALA A 44 -19.49 -2.16 4.99
C ALA A 44 -19.92 -0.92 5.78
N ILE A 45 -19.68 0.26 5.21
CA ILE A 45 -20.17 1.52 5.77
C ILE A 45 -21.32 1.99 4.88
N THR A 46 -22.53 2.01 5.43
CA THR A 46 -23.71 2.39 4.65
C THR A 46 -23.82 3.90 4.56
N ASP A 47 -24.58 4.38 3.59
CA ASP A 47 -24.87 5.80 3.46
C ASP A 47 -25.49 6.33 4.75
N ALA A 48 -26.33 5.51 5.37
CA ALA A 48 -27.00 5.90 6.61
C ALA A 48 -25.99 6.04 7.75
N ASP A 49 -24.97 5.19 7.77
CA ASP A 49 -23.90 5.32 8.77
C ASP A 49 -23.18 6.67 8.64
N PHE A 50 -22.80 7.00 7.40
CA PHE A 50 -22.11 8.26 7.13
C PHE A 50 -22.99 9.46 7.48
N LYS A 51 -24.27 9.39 7.13
CA LYS A 51 -25.19 10.51 7.37
C LYS A 51 -25.42 10.76 8.86
N ALA A 52 -25.58 9.69 9.62
CA ALA A 52 -25.75 9.81 11.07
C ALA A 52 -24.54 10.48 11.74
N ALA A 53 -23.37 10.31 11.13
CA ALA A 53 -22.15 10.94 11.65
C ALA A 53 -22.01 12.39 11.22
N GLY A 54 -22.92 12.86 10.36
CA GLY A 54 -22.90 14.26 9.95
C GLY A 54 -22.61 14.51 8.47
N ALA A 55 -22.37 13.44 7.71
CA ALA A 55 -22.03 13.62 6.29
C ALA A 55 -23.21 14.05 5.43
N GLN A 56 -22.93 14.91 4.45
CA GLN A 56 -23.86 15.24 3.40
C GLN A 56 -23.67 14.24 2.25
N LEU A 57 -24.68 13.42 2.00
CA LEU A 57 -24.60 12.42 0.93
C LEU A 57 -24.91 13.05 -0.43
N VAL A 58 -24.04 12.82 -1.39
CA VAL A 58 -24.12 13.47 -2.68
C VAL A 58 -24.32 12.42 -3.77
N GLY A 59 -25.22 12.68 -4.71
CA GLY A 59 -25.58 11.69 -5.70
C GLY A 59 -24.49 11.34 -6.69
N THR A 60 -23.63 12.30 -7.02
CA THR A 60 -22.66 12.11 -8.11
C THR A 60 -21.23 12.39 -7.69
N ALA A 61 -20.28 11.71 -8.35
CA ALA A 61 -18.87 12.03 -8.15
C ALA A 61 -18.59 13.46 -8.54
N ASP A 62 -19.25 13.92 -9.61
CA ASP A 62 -18.95 15.23 -10.15
C ASP A 62 -19.18 16.35 -9.12
N GLN A 63 -20.23 16.21 -8.32
CA GLN A 63 -20.53 17.23 -7.32
C GLN A 63 -19.51 17.23 -6.17
N VAL A 64 -19.08 16.03 -5.75
CA VAL A 64 -18.07 15.95 -4.69
C VAL A 64 -16.81 16.69 -5.12
N TRP A 65 -16.30 16.38 -6.31
CA TRP A 65 -15.08 17.02 -6.79
C TRP A 65 -15.29 18.52 -6.98
N ALA A 66 -16.49 18.91 -7.40
CA ALA A 66 -16.75 20.33 -7.67
C ALA A 66 -16.89 21.15 -6.39
N ASP A 67 -17.48 20.56 -5.36
CA ASP A 67 -17.82 21.31 -4.15
C ASP A 67 -16.74 21.27 -3.06
N ALA A 68 -15.83 20.30 -3.14
CA ALA A 68 -14.87 20.05 -2.05
C ALA A 68 -13.60 20.89 -2.12
N ASP A 69 -13.28 21.55 -1.02
CA ASP A 69 -12.01 22.27 -0.87
C ASP A 69 -10.86 21.30 -0.57
N LEU A 70 -11.16 20.28 0.22
CA LEU A 70 -10.21 19.22 0.53
C LEU A 70 -10.77 17.91 0.01
N LEU A 71 -10.04 17.25 -0.88
CA LEU A 71 -10.56 16.01 -1.44
C LEU A 71 -9.73 14.82 -0.99
N LEU A 72 -10.35 13.92 -0.22
CA LEU A 72 -9.66 12.76 0.33
C LEU A 72 -9.93 11.54 -0.55
N LYS A 73 -8.87 10.84 -0.98
CA LYS A 73 -9.06 9.59 -1.71
C LYS A 73 -8.14 8.49 -1.20
N VAL A 74 -8.32 7.30 -1.75
CA VAL A 74 -7.44 6.18 -1.43
C VAL A 74 -6.37 6.04 -2.51
N LYS A 75 -6.79 6.01 -3.78
CA LYS A 75 -5.85 5.78 -4.88
C LYS A 75 -5.67 7.03 -5.73
N GLU A 76 -4.74 6.97 -6.68
CA GLU A 76 -4.44 8.12 -7.52
C GLU A 76 -5.59 8.35 -8.51
N PRO A 77 -5.80 9.62 -8.91
CA PRO A 77 -6.86 9.86 -9.92
C PRO A 77 -6.55 9.07 -11.19
N ILE A 78 -7.56 8.45 -11.79
CA ILE A 78 -7.37 7.77 -13.07
C ILE A 78 -7.80 8.69 -14.22
N ALA A 79 -7.59 8.25 -15.46
CA ALA A 79 -7.83 9.10 -16.63
C ALA A 79 -9.21 9.75 -16.62
N ALA A 80 -10.21 8.98 -16.25
CA ALA A 80 -11.59 9.45 -16.23
C ALA A 80 -11.81 10.56 -15.21
N GLU A 81 -10.82 10.76 -14.34
CA GLU A 81 -10.96 11.71 -13.24
C GLU A 81 -10.14 12.98 -13.47
N TYR A 82 -9.29 12.98 -14.49
CA TYR A 82 -8.41 14.11 -14.74
C TYR A 82 -9.21 15.40 -14.96
N GLY A 83 -10.34 15.29 -15.63
CA GLY A 83 -11.19 16.45 -15.88
C GLY A 83 -11.91 16.98 -14.66
N ARG A 84 -11.75 16.28 -13.53
CA ARG A 84 -12.35 16.73 -12.28
C ARG A 84 -11.37 17.49 -11.40
N LEU A 85 -10.08 17.41 -11.73
CA LEU A 85 -9.04 18.11 -10.97
C LEU A 85 -9.22 19.61 -11.09
N ARG A 86 -8.93 20.34 -10.00
CA ARG A 86 -9.22 21.78 -9.92
C ARG A 86 -8.07 22.56 -9.28
N HIS A 87 -7.82 23.76 -9.81
CA HIS A 87 -6.82 24.69 -9.27
C HIS A 87 -6.96 24.92 -7.76
N GLY A 88 -8.18 25.19 -7.29
CA GLY A 88 -8.36 25.63 -5.92
C GLY A 88 -8.56 24.50 -4.90
N GLN A 89 -8.19 23.28 -5.29
CA GLN A 89 -8.47 22.11 -4.45
C GLN A 89 -7.17 21.50 -3.88
N ILE A 90 -7.29 20.88 -2.71
CA ILE A 90 -6.21 20.07 -2.16
C ILE A 90 -6.64 18.61 -2.29
N LEU A 91 -5.84 17.79 -2.95
CA LEU A 91 -6.08 16.36 -3.07
C LEU A 91 -5.09 15.61 -2.15
N PHE A 92 -5.60 14.69 -1.32
CA PHE A 92 -4.78 13.98 -0.33
C PHE A 92 -5.10 12.51 -0.54
N THR A 93 -4.14 11.73 -1.07
CA THR A 93 -4.39 10.32 -1.45
C THR A 93 -3.07 9.60 -1.73
N PHE A 94 -3.10 8.28 -1.94
CA PHE A 94 -1.89 7.62 -2.47
C PHE A 94 -1.70 8.04 -3.91
N LEU A 95 -0.51 8.55 -4.26
CA LEU A 95 -0.28 9.07 -5.62
C LEU A 95 0.65 8.23 -6.50
N HIS A 96 1.79 7.80 -5.94
CA HIS A 96 2.79 7.06 -6.70
C HIS A 96 3.08 7.73 -8.05
N LEU A 97 3.49 9.00 -8.01
CA LEU A 97 3.66 9.79 -9.23
C LEU A 97 4.76 9.28 -10.17
N ALA A 98 5.82 8.70 -9.60
CA ALA A 98 6.91 8.15 -10.41
C ALA A 98 6.43 7.09 -11.39
N ALA A 99 5.34 6.40 -11.04
CA ALA A 99 4.79 5.35 -11.90
C ALA A 99 3.86 5.87 -12.99
N SER A 100 3.55 7.18 -12.98
CA SER A 100 2.62 7.72 -13.96
C SER A 100 2.92 9.14 -14.39
N ARG A 101 3.49 9.30 -15.58
CA ARG A 101 3.74 10.63 -16.15
C ARG A 101 2.41 11.29 -16.45
N ALA A 102 1.44 10.48 -16.88
CA ALA A 102 0.11 10.99 -17.19
C ALA A 102 -0.59 11.61 -15.98
N CYS A 103 -0.53 10.92 -14.84
CA CYS A 103 -1.15 11.44 -13.62
C CYS A 103 -0.42 12.70 -13.18
N THR A 104 0.91 12.61 -13.14
CA THR A 104 1.75 13.75 -12.80
C THR A 104 1.41 14.97 -13.66
N ASP A 105 1.34 14.77 -14.98
CA ASP A 105 1.01 15.85 -15.92
C ASP A 105 -0.38 16.43 -15.67
N ALA A 106 -1.35 15.54 -15.41
CA ALA A 106 -2.71 15.97 -15.13
C ALA A 106 -2.78 16.86 -13.90
N LEU A 107 -2.09 16.47 -12.83
CA LEU A 107 -2.06 17.29 -11.61
C LEU A 107 -1.42 18.67 -11.87
N LEU A 108 -0.24 18.66 -12.50
CA LEU A 108 0.45 19.93 -12.80
C LEU A 108 -0.39 20.88 -13.68
N ASP A 109 -0.95 20.36 -14.77
CA ASP A 109 -1.77 21.15 -15.70
C ASP A 109 -3.02 21.74 -15.04
N SER A 110 -3.65 20.97 -14.16
CA SER A 110 -4.81 21.43 -13.39
C SER A 110 -4.41 22.55 -12.43
N GLY A 111 -3.13 22.58 -12.05
CA GLY A 111 -2.67 23.51 -11.03
C GLY A 111 -3.10 23.17 -9.60
N THR A 112 -3.63 21.96 -9.41
CA THR A 112 -4.16 21.56 -8.11
C THR A 112 -3.03 21.38 -7.11
N THR A 113 -3.38 21.39 -5.83
CA THR A 113 -2.41 21.08 -4.79
C THR A 113 -2.61 19.62 -4.36
N SER A 114 -1.56 18.82 -4.41
CA SER A 114 -1.67 17.41 -4.02
C SER A 114 -0.58 16.97 -3.04
N ILE A 115 -0.98 16.10 -2.12
CA ILE A 115 -0.09 15.58 -1.09
C ILE A 115 -0.23 14.06 -1.11
N ALA A 116 0.89 13.34 -1.22
CA ALA A 116 0.85 11.87 -1.37
C ALA A 116 0.89 11.20 -0.01
N TYR A 117 -0.05 10.29 0.27
CA TYR A 117 -0.03 9.56 1.54
C TYR A 117 1.35 8.91 1.76
N GLU A 118 1.88 8.30 0.69
CA GLU A 118 3.02 7.39 0.84
C GLU A 118 4.38 8.08 1.05
N THR A 119 4.44 9.42 0.89
CA THR A 119 5.69 10.13 1.17
C THR A 119 5.61 11.02 2.42
N VAL A 120 4.46 11.05 3.08
CA VAL A 120 4.39 11.63 4.41
C VAL A 120 5.36 10.83 5.27
N GLN A 121 6.26 11.53 5.96
CA GLN A 121 7.40 10.85 6.59
C GLN A 121 7.83 11.54 7.88
N THR A 122 7.80 10.81 8.99
CA THR A 122 8.21 11.37 10.28
C THR A 122 9.74 11.52 10.38
N ALA A 123 10.19 12.22 11.42
CA ALA A 123 11.60 12.53 11.59
C ALA A 123 12.45 11.26 11.66
N ASP A 124 11.90 10.23 12.30
CA ASP A 124 12.63 8.97 12.42
C ASP A 124 12.69 8.18 11.12
N GLY A 125 12.17 8.77 10.04
CA GLY A 125 12.24 8.15 8.72
C GLY A 125 11.06 7.26 8.35
N ALA A 126 10.18 7.00 9.31
CA ALA A 126 9.06 6.09 9.10
C ALA A 126 7.99 6.71 8.19
N LEU A 127 7.20 5.85 7.53
CA LEU A 127 6.14 6.30 6.63
C LEU A 127 4.78 5.92 7.22
N PRO A 128 4.19 6.82 8.02
CA PRO A 128 3.07 6.44 8.88
C PRO A 128 1.77 6.13 8.13
N LEU A 129 1.64 6.58 6.89
CA LEU A 129 0.40 6.36 6.16
C LEU A 129 0.56 5.16 5.25
N LEU A 130 1.78 4.87 4.86
CA LEU A 130 2.04 3.65 4.09
C LEU A 130 2.07 2.44 5.03
N ALA A 131 2.54 2.66 6.26
CA ALA A 131 2.76 1.56 7.20
C ALA A 131 1.57 0.58 7.37
N PRO A 132 0.36 1.10 7.66
CA PRO A 132 -0.73 0.14 7.83
C PRO A 132 -1.07 -0.66 6.56
N MET A 133 -0.83 -0.10 5.39
CA MET A 133 -1.06 -0.83 4.15
C MET A 133 -0.01 -1.94 3.99
N SER A 134 1.21 -1.67 4.39
CA SER A 134 2.26 -2.70 4.40
C SER A 134 1.93 -3.83 5.37
N GLU A 135 1.36 -3.46 6.52
CA GLU A 135 0.93 -4.45 7.52
C GLU A 135 -0.15 -5.35 6.94
N VAL A 136 -1.18 -4.74 6.35
CA VAL A 136 -2.24 -5.54 5.72
C VAL A 136 -1.73 -6.47 4.63
N ALA A 137 -0.91 -5.92 3.73
CA ALA A 137 -0.38 -6.69 2.59
C ALA A 137 0.44 -7.87 3.08
N GLY A 138 1.28 -7.63 4.09
CA GLY A 138 2.09 -8.71 4.64
C GLY A 138 1.25 -9.84 5.23
N ARG A 139 0.28 -9.48 6.06
CA ARG A 139 -0.59 -10.50 6.64
C ARG A 139 -1.41 -11.23 5.56
N LEU A 140 -1.88 -10.48 4.57
CA LEU A 140 -2.60 -11.09 3.45
C LEU A 140 -1.73 -12.06 2.70
N ALA A 141 -0.45 -11.71 2.51
CA ALA A 141 0.46 -12.56 1.72
C ALA A 141 0.51 -13.98 2.30
N ALA A 142 0.56 -14.08 3.62
CA ALA A 142 0.57 -15.40 4.25
C ALA A 142 -0.71 -16.16 3.97
N GLN A 143 -1.85 -15.50 4.06
CA GLN A 143 -3.15 -16.16 3.89
CA GLN A 143 -3.07 -16.27 3.91
C GLN A 143 -3.35 -16.62 2.46
N VAL A 144 -2.94 -15.78 1.52
CA VAL A 144 -3.16 -16.11 0.11
C VAL A 144 -2.11 -17.14 -0.35
N GLY A 145 -0.90 -17.07 0.20
CA GLY A 145 0.11 -18.07 -0.09
C GLY A 145 -0.34 -19.46 0.37
N ALA A 146 -0.88 -19.53 1.58
CA ALA A 146 -1.41 -20.77 2.15
C ALA A 146 -2.50 -21.35 1.26
N TYR A 147 -3.38 -20.51 0.76
CA TYR A 147 -4.50 -20.97 -0.06
C TYR A 147 -4.00 -21.51 -1.40
N HIS A 148 -3.06 -20.82 -2.03
CA HIS A 148 -2.59 -21.26 -3.34
C HIS A 148 -1.60 -22.41 -3.29
N LEU A 149 -1.17 -22.76 -2.08
CA LEU A 149 -0.40 -23.98 -1.90
C LEU A 149 -1.29 -25.23 -2.01
N MET A 150 -2.61 -25.05 -2.00
CA MET A 150 -3.53 -26.18 -2.18
C MET A 150 -3.42 -26.74 -3.60
N ARG A 151 -3.44 -28.06 -3.72
CA ARG A 151 -3.26 -28.73 -5.02
C ARG A 151 -4.37 -28.34 -6.00
N THR A 152 -5.54 -28.03 -5.48
CA THR A 152 -6.68 -27.62 -6.30
C THR A 152 -6.51 -26.18 -6.82
N GLN A 153 -5.39 -25.56 -6.48
CA GLN A 153 -5.08 -24.22 -6.98
C GLN A 153 -3.79 -24.25 -7.82
N GLY A 154 -3.30 -25.45 -8.08
CA GLY A 154 -2.10 -25.61 -8.88
C GLY A 154 -0.84 -25.63 -8.02
N GLY A 155 -1.02 -25.42 -6.72
CA GLY A 155 0.10 -25.48 -5.79
C GLY A 155 0.57 -26.89 -5.50
N ARG A 156 1.66 -26.99 -4.76
CA ARG A 156 2.31 -28.26 -4.45
C ARG A 156 1.43 -29.20 -3.60
N GLY A 157 0.45 -28.64 -2.90
CA GLY A 157 -0.48 -29.45 -2.12
C GLY A 157 -0.01 -29.68 -0.69
N VAL A 158 0.51 -28.60 -0.09
CA VAL A 158 1.13 -28.66 1.23
C VAL A 158 0.37 -27.76 2.22
N LEU A 159 -0.05 -28.33 3.35
CA LEU A 159 -0.72 -27.57 4.41
C LEU A 159 0.30 -26.70 5.16
N MET A 160 -0.05 -25.44 5.42
CA MET A 160 0.91 -24.51 6.07
C MET A 160 1.58 -25.12 7.27
N GLY A 161 0.77 -25.58 8.21
CA GLY A 161 1.32 -26.04 9.48
C GLY A 161 1.59 -27.52 9.63
N GLY A 162 1.38 -28.30 8.56
CA GLY A 162 1.49 -29.74 8.68
C GLY A 162 0.45 -30.25 9.66
N VAL A 163 0.63 -31.49 10.13
CA VAL A 163 -0.11 -32.06 11.25
C VAL A 163 0.93 -32.91 11.95
N PRO A 164 0.68 -33.37 13.19
CA PRO A 164 1.75 -34.06 13.91
C PRO A 164 2.38 -35.23 13.14
N GLY A 165 3.71 -35.27 13.09
CA GLY A 165 4.41 -36.30 12.36
C GLY A 165 4.65 -36.00 10.89
N VAL A 166 4.07 -34.89 10.41
CA VAL A 166 4.15 -34.52 8.99
C VAL A 166 4.71 -33.09 8.80
N GLU A 167 5.73 -32.96 7.95
CA GLU A 167 6.40 -31.67 7.68
C GLU A 167 5.45 -30.54 7.33
N PRO A 168 5.63 -29.37 7.97
CA PRO A 168 4.86 -28.15 7.63
C PRO A 168 5.41 -27.52 6.36
N ALA A 169 4.72 -26.52 5.82
CA ALA A 169 5.25 -25.79 4.67
C ALA A 169 6.55 -25.08 5.07
N ASP A 170 7.49 -25.04 4.14
CA ASP A 170 8.73 -24.30 4.30
C ASP A 170 8.53 -22.94 3.64
N VAL A 171 8.49 -21.90 4.46
CA VAL A 171 8.13 -20.56 3.99
C VAL A 171 9.35 -19.64 4.10
N VAL A 172 9.69 -18.99 3.00
CA VAL A 172 10.79 -18.03 3.01
C VAL A 172 10.23 -16.64 2.77
N VAL A 173 10.53 -15.72 3.70
CA VAL A 173 10.14 -14.32 3.53
C VAL A 173 11.39 -13.50 3.21
N ILE A 174 11.37 -12.82 2.07
CA ILE A 174 12.49 -11.97 1.68
C ILE A 174 12.19 -10.53 2.07
N GLY A 175 12.90 -10.02 3.08
CA GLY A 175 12.65 -8.67 3.58
C GLY A 175 12.03 -8.70 4.97
N ALA A 176 12.65 -8.02 5.91
CA ALA A 176 12.20 -8.02 7.30
C ALA A 176 11.69 -6.65 7.71
N GLY A 177 11.19 -5.89 6.75
CA GLY A 177 10.52 -4.63 7.06
C GLY A 177 9.09 -4.85 7.50
N THR A 178 8.29 -3.79 7.50
CA THR A 178 6.92 -3.92 8.01
C THR A 178 6.15 -5.03 7.31
N ALA A 179 6.22 -5.09 5.99
CA ALA A 179 5.43 -6.10 5.26
C ALA A 179 5.95 -7.51 5.58
N GLY A 180 7.26 -7.67 5.52
CA GLY A 180 7.88 -8.96 5.75
C GLY A 180 7.68 -9.47 7.16
N TYR A 181 7.85 -8.59 8.14
CA TYR A 181 7.60 -8.96 9.54
C TYR A 181 6.19 -9.52 9.69
N ASN A 182 5.21 -8.82 9.11
CA ASN A 182 3.83 -9.25 9.28
C ASN A 182 3.52 -10.54 8.54
N ALA A 183 4.10 -10.73 7.35
CA ALA A 183 3.96 -12.00 6.64
C ALA A 183 4.54 -13.15 7.44
N ALA A 184 5.76 -12.99 7.94
CA ALA A 184 6.41 -14.06 8.72
C ALA A 184 5.58 -14.35 9.95
N ARG A 185 5.05 -13.31 10.58
CA ARG A 185 4.27 -13.51 11.80
C ARG A 185 3.01 -14.33 11.57
N ILE A 186 2.27 -14.02 10.51
CA ILE A 186 1.07 -14.82 10.25
C ILE A 186 1.43 -16.22 9.74
N ALA A 187 2.41 -16.32 8.86
CA ALA A 187 2.82 -17.63 8.35
C ALA A 187 3.27 -18.51 9.52
N ASN A 188 4.03 -17.94 10.44
CA ASN A 188 4.41 -18.67 11.66
C ASN A 188 3.19 -19.10 12.48
N GLY A 189 2.22 -18.20 12.63
CA GLY A 189 1.02 -18.52 13.40
C GLY A 189 0.21 -19.66 12.77
N MET A 190 0.36 -19.84 11.46
CA MET A 190 -0.34 -20.93 10.77
C MET A 190 0.41 -22.27 10.88
N GLY A 191 1.59 -22.24 11.47
CA GLY A 191 2.33 -23.47 11.76
C GLY A 191 3.50 -23.72 10.82
N ALA A 192 3.68 -22.84 9.83
CA ALA A 192 4.75 -23.01 8.85
C ALA A 192 6.11 -22.82 9.49
N THR A 193 7.12 -23.48 8.91
CA THR A 193 8.51 -23.20 9.29
C THR A 193 9.00 -22.02 8.47
N VAL A 194 9.15 -20.88 9.13
CA VAL A 194 9.40 -19.62 8.45
C VAL A 194 10.86 -19.21 8.60
N THR A 195 11.49 -18.86 7.48
CA THR A 195 12.79 -18.21 7.49
C THR A 195 12.66 -16.82 6.88
N VAL A 196 13.21 -15.82 7.56
CA VAL A 196 13.21 -14.45 7.05
C VAL A 196 14.62 -14.06 6.68
N LEU A 197 14.78 -13.56 5.45
CA LEU A 197 16.08 -13.12 4.91
C LEU A 197 16.12 -11.59 4.87
N ASP A 198 17.21 -11.02 5.36
CA ASP A 198 17.44 -9.58 5.19
C ASP A 198 18.93 -9.30 5.22
N ILE A 199 19.34 -8.18 4.63
CA ILE A 199 20.73 -7.74 4.76
C ILE A 199 20.93 -6.83 5.96
N ASN A 200 19.83 -6.41 6.59
CA ASN A 200 19.89 -5.60 7.82
C ASN A 200 19.80 -6.54 9.01
N ILE A 201 20.94 -6.81 9.64
CA ILE A 201 20.98 -7.79 10.73
C ILE A 201 20.22 -7.29 11.96
N ASP A 202 20.12 -5.97 12.11
CA ASP A 202 19.35 -5.43 13.24
C ASP A 202 17.88 -5.81 13.15
N LYS A 203 17.33 -5.82 11.95
CA LYS A 203 15.96 -6.26 11.78
C LYS A 203 15.81 -7.74 12.10
N LEU A 204 16.83 -8.54 11.77
CA LEU A 204 16.79 -9.97 12.08
C LEU A 204 16.90 -10.19 13.59
N ARG A 205 17.71 -9.37 14.23
CA ARG A 205 17.85 -9.42 15.69
C ARG A 205 16.49 -9.11 16.34
N GLN A 206 15.74 -8.17 15.79
CA GLN A 206 14.40 -7.87 16.32
C GLN A 206 13.45 -9.06 16.18
N LEU A 207 13.46 -9.71 15.02
CA LEU A 207 12.64 -10.89 14.79
C LEU A 207 13.04 -12.02 15.72
N ASP A 208 14.35 -12.12 15.99
CA ASP A 208 14.87 -13.21 16.80
C ASP A 208 14.37 -13.07 18.23
N ALA A 209 14.31 -11.84 18.70
CA ALA A 209 13.87 -11.60 20.07
C ALA A 209 12.36 -11.81 20.17
N GLU A 210 11.62 -11.21 19.25
CA GLU A 210 10.15 -11.24 19.30
C GLU A 210 9.57 -12.65 19.32
N PHE A 211 10.17 -13.56 18.56
CA PHE A 211 9.64 -14.93 18.49
C PHE A 211 10.58 -15.96 19.11
N CYS A 212 11.52 -15.47 19.90
CA CYS A 212 12.48 -16.35 20.58
CA CYS A 212 12.55 -16.30 20.56
C CYS A 212 13.11 -17.36 19.62
N GLY A 213 13.52 -16.91 18.44
CA GLY A 213 14.13 -17.82 17.48
C GLY A 213 13.18 -18.74 16.73
N ARG A 214 11.89 -18.77 17.10
CA ARG A 214 10.96 -19.62 16.35
C ARG A 214 10.82 -19.23 14.89
N ILE A 215 10.93 -17.93 14.60
CA ILE A 215 11.11 -17.51 13.21
C ILE A 215 12.60 -17.47 12.88
N HIS A 216 13.03 -18.37 11.99
CA HIS A 216 14.44 -18.46 11.65
C HIS A 216 14.86 -17.20 10.90
N THR A 217 16.07 -16.73 11.18
CA THR A 217 16.61 -15.56 10.49
C THR A 217 17.90 -15.92 9.78
N ARG A 218 18.05 -15.47 8.53
CA ARG A 218 19.27 -15.75 7.77
C ARG A 218 19.76 -14.47 7.10
N TYR A 219 21.04 -14.21 7.20
CA TYR A 219 21.60 -13.05 6.51
C TYR A 219 21.49 -13.28 5.01
N SER A 220 20.96 -12.29 4.29
CA SER A 220 20.58 -12.51 2.90
C SER A 220 21.73 -12.29 1.92
N SER A 221 22.73 -13.17 1.96
CA SER A 221 23.77 -13.15 0.92
C SER A 221 23.12 -13.79 -0.30
N ALA A 222 23.74 -13.63 -1.46
CA ALA A 222 23.19 -14.24 -2.66
C ALA A 222 23.19 -15.77 -2.51
N TYR A 223 24.23 -16.31 -1.89
CA TYR A 223 24.30 -17.76 -1.65
C TYR A 223 23.15 -18.22 -0.77
N GLU A 224 22.89 -17.45 0.28
CA GLU A 224 21.87 -17.86 1.24
C GLU A 224 20.47 -17.81 0.62
N LEU A 225 20.20 -16.76 -0.14
CA LEU A 225 18.90 -16.59 -0.77
C LEU A 225 18.61 -17.72 -1.74
N GLU A 226 19.59 -18.07 -2.57
CA GLU A 226 19.41 -19.18 -3.52
C GLU A 226 19.04 -20.46 -2.79
N GLY A 227 19.80 -20.79 -1.76
CA GLY A 227 19.62 -22.04 -1.03
C GLY A 227 18.26 -22.13 -0.35
N ALA A 228 17.80 -21.02 0.23
CA ALA A 228 16.54 -21.02 0.95
C ALA A 228 15.37 -21.11 -0.03
N VAL A 229 15.48 -20.34 -1.11
CA VAL A 229 14.43 -20.31 -2.13
C VAL A 229 14.25 -21.66 -2.79
N LYS A 230 15.37 -22.35 -3.07
CA LYS A 230 15.33 -23.70 -3.63
C LYS A 230 14.55 -24.69 -2.78
N ARG A 231 14.59 -24.51 -1.46
CA ARG A 231 13.92 -25.45 -0.55
C ARG A 231 12.48 -25.08 -0.21
N ALA A 232 12.06 -23.87 -0.59
CA ALA A 232 10.78 -23.33 -0.14
C ALA A 232 9.56 -23.92 -0.84
N ASP A 233 8.47 -24.08 -0.09
CA ASP A 233 7.16 -24.35 -0.69
C ASP A 233 6.49 -23.03 -1.07
N LEU A 234 6.74 -22.01 -0.24
CA LEU A 234 6.17 -20.67 -0.43
C LEU A 234 7.24 -19.59 -0.23
N VAL A 235 7.36 -18.68 -1.19
CA VAL A 235 8.26 -17.54 -1.10
C VAL A 235 7.41 -16.27 -1.10
N ILE A 236 7.64 -15.41 -0.11
CA ILE A 236 6.95 -14.13 -0.05
C ILE A 236 7.98 -13.01 -0.24
N GLY A 237 7.85 -12.27 -1.33
CA GLY A 237 8.79 -11.19 -1.67
C GLY A 237 8.33 -9.87 -1.09
N ALA A 238 9.06 -9.38 -0.09
CA ALA A 238 8.61 -8.25 0.71
C ALA A 238 9.68 -7.20 0.84
N VAL A 239 10.53 -7.10 -0.18
CA VAL A 239 11.54 -6.05 -0.24
C VAL A 239 10.94 -4.88 -0.99
N LEU A 240 10.33 -3.98 -0.22
CA LEU A 240 9.72 -2.78 -0.77
C LEU A 240 10.58 -1.58 -0.46
N VAL A 241 11.28 -1.07 -1.48
CA VAL A 241 12.15 0.08 -1.30
C VAL A 241 11.37 1.37 -1.57
N PRO A 242 11.25 2.22 -0.55
CA PRO A 242 10.58 3.53 -0.61
C PRO A 242 11.21 4.38 -1.71
N GLY A 243 10.40 4.72 -2.72
CA GLY A 243 10.92 5.44 -3.87
C GLY A 243 10.97 4.56 -5.10
N ALA A 244 12.10 4.61 -5.81
CA ALA A 244 12.26 3.93 -7.09
C ALA A 244 12.28 2.39 -6.99
N LYS A 245 12.42 1.74 -8.15
CA LYS A 245 12.01 0.33 -8.35
C LYS A 245 12.67 -0.75 -7.48
N ALA A 246 11.97 -1.88 -7.39
CA ALA A 246 12.41 -3.02 -6.58
C ALA A 246 13.49 -3.82 -7.29
N PRO A 247 14.51 -4.27 -6.54
CA PRO A 247 15.55 -5.14 -7.11
C PRO A 247 14.96 -6.50 -7.46
N LYS A 248 15.43 -7.12 -8.54
CA LYS A 248 14.99 -8.45 -8.91
C LYS A 248 15.85 -9.49 -8.18
N LEU A 249 15.40 -9.92 -7.01
CA LEU A 249 16.19 -10.79 -6.15
C LEU A 249 16.05 -12.27 -6.48
N VAL A 250 14.98 -12.63 -7.16
CA VAL A 250 14.70 -14.02 -7.47
C VAL A 250 14.62 -14.17 -8.99
N SER A 251 15.62 -14.85 -9.57
CA SER A 251 15.71 -14.95 -11.03
C SER A 251 14.86 -16.08 -11.58
N ASN A 252 14.47 -15.96 -12.85
CA ASN A 252 13.76 -17.04 -13.51
C ASN A 252 14.61 -18.30 -13.55
N SER A 253 15.94 -18.12 -13.64
CA SER A 253 16.86 -19.23 -13.57
C SER A 253 16.74 -19.97 -12.23
N LEU A 254 16.71 -19.20 -11.15
CA LEU A 254 16.48 -19.76 -9.82
C LEU A 254 15.11 -20.46 -9.74
N VAL A 255 14.09 -19.80 -10.29
CA VAL A 255 12.74 -20.36 -10.27
C VAL A 255 12.68 -21.74 -10.93
N ALA A 256 13.47 -21.92 -11.98
CA ALA A 256 13.56 -23.21 -12.67
C ALA A 256 14.07 -24.33 -11.76
N HIS A 257 14.83 -23.97 -10.72
CA HIS A 257 15.37 -24.99 -9.84
C HIS A 257 14.53 -25.22 -8.58
N MET A 258 13.38 -24.54 -8.48
CA MET A 258 12.51 -24.65 -7.31
C MET A 258 11.66 -25.90 -7.35
N LYS A 259 11.10 -26.29 -6.19
CA LYS A 259 10.21 -27.44 -6.12
C LYS A 259 8.96 -27.21 -6.97
N PRO A 260 8.51 -28.25 -7.68
CA PRO A 260 7.30 -28.12 -8.52
C PRO A 260 6.06 -27.76 -7.68
N GLY A 261 5.31 -26.76 -8.12
CA GLY A 261 4.10 -26.36 -7.43
C GLY A 261 4.35 -25.38 -6.30
N ALA A 262 5.60 -24.96 -6.14
CA ALA A 262 5.95 -23.92 -5.17
C ALA A 262 5.21 -22.65 -5.55
N VAL A 263 4.93 -21.81 -4.55
CA VAL A 263 4.15 -20.57 -4.76
C VAL A 263 4.98 -19.35 -4.37
N LEU A 264 4.96 -18.33 -5.22
CA LEU A 264 5.72 -17.10 -4.98
C LEU A 264 4.76 -15.91 -5.00
N VAL A 265 4.67 -15.23 -3.85
CA VAL A 265 3.80 -14.08 -3.68
C VAL A 265 4.65 -12.81 -3.58
N ASP A 266 4.47 -11.92 -4.56
CA ASP A 266 5.27 -10.70 -4.61
C ASP A 266 4.45 -9.54 -4.05
N ILE A 267 4.80 -9.05 -2.87
CA ILE A 267 4.10 -7.89 -2.32
C ILE A 267 4.91 -6.61 -2.50
N ALA A 268 5.71 -6.59 -3.57
CA ALA A 268 6.37 -5.38 -4.03
C ALA A 268 6.01 -5.17 -5.49
N ILE A 269 4.95 -5.86 -5.92
CA ILE A 269 4.51 -5.88 -7.31
C ILE A 269 4.12 -4.49 -7.83
N ASP A 270 3.79 -3.58 -6.91
CA ASP A 270 3.50 -2.20 -7.25
C ASP A 270 4.77 -1.37 -7.50
N GLN A 271 5.93 -2.02 -7.38
CA GLN A 271 7.21 -1.42 -7.74
C GLN A 271 7.90 -2.24 -8.80
N GLY A 272 7.11 -2.96 -9.60
CA GLY A 272 7.64 -3.85 -10.61
C GLY A 272 7.91 -5.23 -10.06
N GLY A 273 7.75 -5.38 -8.75
CA GLY A 273 7.98 -6.65 -8.07
C GLY A 273 9.45 -6.95 -7.80
N CYS A 274 9.72 -7.83 -6.84
CA CYS A 274 11.10 -8.19 -6.54
C CYS A 274 11.48 -9.57 -7.06
N PHE A 275 10.58 -10.18 -7.84
CA PHE A 275 10.93 -11.37 -8.61
C PHE A 275 11.10 -10.93 -10.06
N GLU A 276 12.04 -11.56 -10.76
CA GLU A 276 12.28 -11.22 -12.17
C GLU A 276 11.03 -11.50 -13.00
N GLY A 277 10.43 -12.68 -12.81
CA GLY A 277 9.28 -13.08 -13.60
C GLY A 277 7.96 -12.46 -13.22
N SER A 278 7.99 -11.46 -12.32
CA SER A 278 6.75 -10.90 -11.80
C SER A 278 6.06 -9.94 -12.79
N ARG A 279 4.80 -10.22 -13.09
CA ARG A 279 3.95 -9.25 -13.78
C ARG A 279 2.71 -9.00 -12.93
N PRO A 280 2.34 -7.72 -12.75
CA PRO A 280 1.19 -7.36 -11.90
C PRO A 280 -0.11 -7.98 -12.42
N THR A 281 -0.72 -8.86 -11.63
CA THR A 281 -1.99 -9.47 -12.00
C THR A 281 -3.09 -8.84 -11.15
N THR A 282 -4.29 -9.39 -11.30
CA THR A 282 -5.42 -8.96 -10.47
C THR A 282 -6.33 -10.13 -10.12
N TYR A 283 -7.30 -9.87 -9.24
CA TYR A 283 -8.10 -10.92 -8.60
C TYR A 283 -8.80 -11.91 -9.52
N ASP A 284 -8.89 -11.56 -10.80
CA ASP A 284 -9.59 -12.37 -11.77
C ASP A 284 -8.80 -13.64 -12.07
N HIS A 285 -7.59 -13.48 -12.56
CA HIS A 285 -6.63 -14.58 -12.66
C HIS A 285 -5.38 -14.17 -11.88
N PRO A 286 -5.37 -14.40 -10.56
CA PRO A 286 -4.28 -13.83 -9.75
C PRO A 286 -2.94 -14.53 -9.95
N THR A 287 -2.95 -15.76 -10.46
CA THR A 287 -1.71 -16.53 -10.60
C THR A 287 -1.35 -16.98 -12.02
N PHE A 288 -0.05 -16.99 -12.31
CA PHE A 288 0.46 -17.55 -13.56
C PHE A 288 1.66 -18.46 -13.33
N ALA A 289 1.96 -19.28 -14.34
CA ALA A 289 3.05 -20.23 -14.24
C ALA A 289 4.39 -19.58 -14.57
N VAL A 290 5.44 -20.00 -13.87
CA VAL A 290 6.82 -19.73 -14.24
C VAL A 290 7.56 -21.02 -13.91
N HIS A 291 8.02 -21.75 -14.92
CA HIS A 291 8.79 -23.00 -14.70
C HIS A 291 8.27 -23.93 -13.60
N ASP A 292 7.05 -24.44 -13.74
CA ASP A 292 6.46 -25.34 -12.72
C ASP A 292 6.20 -24.68 -11.35
N THR A 293 6.32 -23.37 -11.25
CA THR A 293 5.90 -22.69 -10.02
C THR A 293 4.70 -21.81 -10.31
N LEU A 294 4.07 -21.34 -9.24
CA LEU A 294 2.90 -20.46 -9.35
C LEU A 294 3.24 -19.08 -8.77
N PHE A 295 3.11 -18.03 -9.59
CA PHE A 295 3.33 -16.66 -9.15
C PHE A 295 2.02 -15.98 -8.79
N TYR A 296 2.00 -15.29 -7.65
CA TYR A 296 0.87 -14.48 -7.25
C TYR A 296 1.33 -13.03 -7.22
N CYS A 297 0.82 -12.21 -8.12
CA CYS A 297 1.31 -10.83 -8.22
C CYS A 297 0.19 -9.79 -8.25
N VAL A 298 -0.86 -10.01 -7.46
CA VAL A 298 -1.98 -9.07 -7.41
C VAL A 298 -1.53 -7.74 -6.83
N ALA A 299 -1.79 -6.65 -7.54
CA ALA A 299 -1.48 -5.33 -7.01
C ALA A 299 -2.61 -4.86 -6.09
N ASN A 300 -2.30 -3.90 -5.21
CA ASN A 300 -3.30 -3.34 -4.30
C ASN A 300 -4.02 -4.40 -3.47
N MET A 301 -3.25 -5.32 -2.91
CA MET A 301 -3.80 -6.36 -2.04
C MET A 301 -4.70 -5.90 -0.89
N PRO A 302 -4.38 -4.77 -0.23
CA PRO A 302 -5.24 -4.39 0.90
C PRO A 302 -6.67 -4.05 0.49
N ALA A 303 -6.90 -3.80 -0.81
CA ALA A 303 -8.25 -3.50 -1.28
C ALA A 303 -9.21 -4.69 -1.11
N SER A 304 -8.64 -5.88 -0.92
CA SER A 304 -9.46 -7.10 -0.84
C SER A 304 -10.01 -7.32 0.56
N VAL A 305 -9.48 -6.59 1.54
CA VAL A 305 -10.05 -6.62 2.90
C VAL A 305 -10.39 -5.21 3.37
N PRO A 306 -11.31 -4.53 2.64
CA PRO A 306 -11.60 -3.12 2.87
C PRO A 306 -12.13 -2.79 4.25
N LYS A 307 -12.94 -3.66 4.86
CA LYS A 307 -13.41 -3.41 6.21
C LYS A 307 -12.21 -3.18 7.17
N THR A 308 -11.15 -3.96 6.98
CA THR A 308 -9.95 -3.83 7.79
C THR A 308 -9.12 -2.62 7.32
N SER A 309 -8.82 -2.60 6.03
CA SER A 309 -7.84 -1.67 5.52
C SER A 309 -8.35 -0.24 5.44
N THR A 310 -9.66 -0.05 5.25
CA THR A 310 -10.20 1.33 5.28
C THR A 310 -9.92 1.93 6.66
N TYR A 311 -10.21 1.16 7.70
CA TYR A 311 -9.93 1.65 9.04
C TYR A 311 -8.44 1.83 9.31
N ALA A 312 -7.62 0.86 8.93
CA ALA A 312 -6.17 0.96 9.13
C ALA A 312 -5.58 2.23 8.51
N LEU A 313 -6.03 2.50 7.29
CA LEU A 313 -5.55 3.69 6.58
C LEU A 313 -6.04 4.98 7.21
N THR A 314 -7.35 5.09 7.41
CA THR A 314 -7.93 6.36 7.86
C THR A 314 -7.66 6.65 9.33
N ASN A 315 -7.39 5.60 10.12
CA ASN A 315 -6.90 5.81 11.48
C ASN A 315 -5.59 6.57 11.41
N ALA A 316 -4.75 6.16 10.47
CA ALA A 316 -3.44 6.80 10.30
C ALA A 316 -3.54 8.20 9.68
N THR A 317 -4.42 8.36 8.70
CA THR A 317 -4.51 9.68 8.03
C THR A 317 -5.23 10.75 8.84
N MET A 318 -6.07 10.33 9.80
CA MET A 318 -6.97 11.24 10.52
C MET A 318 -6.33 12.53 11.05
N PRO A 319 -5.23 12.44 11.83
CA PRO A 319 -4.68 13.70 12.35
C PRO A 319 -4.18 14.65 11.25
N TYR A 320 -3.69 14.10 10.14
CA TYR A 320 -3.26 14.94 9.02
C TYR A 320 -4.48 15.57 8.33
N VAL A 321 -5.52 14.76 8.13
CA VAL A 321 -6.77 15.25 7.55
C VAL A 321 -7.35 16.40 8.39
N LEU A 322 -7.35 16.23 9.72
CA LEU A 322 -7.85 17.29 10.59
C LEU A 322 -7.01 18.56 10.52
N GLU A 323 -5.68 18.41 10.41
CA GLU A 323 -4.80 19.59 10.33
C GLU A 323 -5.04 20.37 9.03
N LEU A 324 -5.09 19.64 7.91
CA LEU A 324 -5.36 20.22 6.60
C LEU A 324 -6.71 20.94 6.56
N ALA A 325 -7.73 20.29 7.12
CA ALA A 325 -9.07 20.86 7.12
C ALA A 325 -9.11 22.11 8.01
N ASP A 326 -8.47 22.03 9.18
CA ASP A 326 -8.50 23.14 10.13
C ASP A 326 -7.67 24.34 9.69
N HIS A 327 -6.59 24.12 8.94
CA HIS A 327 -5.61 25.18 8.71
C HIS A 327 -5.21 25.43 7.25
N GLY A 328 -5.66 24.59 6.33
CA GLY A 328 -5.23 24.70 4.94
C GLY A 328 -3.88 24.05 4.71
N TRP A 329 -3.54 23.74 3.46
CA TRP A 329 -2.32 23.00 3.18
C TRP A 329 -1.04 23.70 3.62
N ARG A 330 -0.96 25.01 3.42
CA ARG A 330 0.32 25.68 3.65
C ARG A 330 0.67 25.79 5.13
N ALA A 331 -0.28 26.25 5.93
CA ALA A 331 -0.09 26.33 7.37
C ALA A 331 0.13 24.94 7.99
N ALA A 332 -0.69 23.98 7.56
CA ALA A 332 -0.55 22.60 8.01
C ALA A 332 0.84 22.06 7.71
N CYS A 333 1.33 22.29 6.49
CA CYS A 333 2.65 21.79 6.10
C CYS A 333 3.79 22.53 6.82
N ARG A 334 3.60 23.81 7.07
CA ARG A 334 4.56 24.63 7.83
C ARG A 334 4.67 24.09 9.25
N SER A 335 3.53 23.76 9.86
CA SER A 335 3.52 23.27 11.24
C SER A 335 3.97 21.82 11.39
N ASN A 336 3.82 21.02 10.33
CA ASN A 336 4.08 19.58 10.40
C ASN A 336 4.96 19.09 9.26
N PRO A 337 6.28 19.00 9.52
CA PRO A 337 7.28 18.64 8.50
C PRO A 337 7.04 17.25 7.91
N ALA A 338 6.47 16.33 8.68
CA ALA A 338 6.13 15.01 8.15
C ALA A 338 5.14 15.15 7.00
N LEU A 339 4.14 15.99 7.20
CA LEU A 339 3.13 16.25 6.17
C LEU A 339 3.74 16.96 4.96
N ALA A 340 4.63 17.91 5.21
CA ALA A 340 5.31 18.60 4.12
C ALA A 340 6.07 17.65 3.19
N LYS A 341 6.64 16.58 3.74
CA LYS A 341 7.38 15.64 2.89
C LYS A 341 6.46 14.92 1.90
N GLY A 342 5.15 15.00 2.13
CA GLY A 342 4.19 14.45 1.18
C GLY A 342 3.83 15.39 0.04
N LEU A 343 4.15 16.68 0.19
CA LEU A 343 3.76 17.69 -0.80
C LEU A 343 4.23 17.27 -2.17
N SER A 344 3.32 17.20 -3.13
CA SER A 344 3.66 16.69 -4.46
C SER A 344 3.48 17.71 -5.57
N THR A 345 2.33 18.36 -5.66
CA THR A 345 2.14 19.44 -6.65
C THR A 345 1.49 20.66 -6.04
N HIS A 346 1.71 21.82 -6.66
CA HIS A 346 1.01 23.03 -6.28
C HIS A 346 1.17 24.06 -7.39
N GLU A 347 0.05 24.50 -7.95
CA GLU A 347 0.05 25.58 -8.95
C GLU A 347 1.01 25.32 -10.11
N GLY A 348 1.00 24.08 -10.61
CA GLY A 348 1.84 23.73 -11.75
C GLY A 348 3.27 23.36 -11.39
N ALA A 349 3.62 23.48 -10.12
CA ALA A 349 4.96 23.13 -9.68
C ALA A 349 5.03 21.70 -9.13
N LEU A 350 6.01 20.93 -9.59
CA LEU A 350 6.27 19.59 -9.07
C LEU A 350 7.26 19.73 -7.92
N LEU A 351 6.90 19.19 -6.76
CA LEU A 351 7.62 19.48 -5.52
C LEU A 351 8.41 18.29 -4.97
N SER A 352 8.43 17.19 -5.72
CA SER A 352 9.19 16.01 -5.31
C SER A 352 10.41 15.84 -6.19
N GLU A 353 11.59 15.97 -5.61
CA GLU A 353 12.84 15.83 -6.34
C GLU A 353 12.95 14.44 -6.94
N ARG A 354 12.63 13.44 -6.12
CA ARG A 354 12.72 12.04 -6.55
CA ARG A 354 12.72 12.04 -6.54
C ARG A 354 11.78 11.72 -7.71
N VAL A 355 10.55 12.23 -7.64
CA VAL A 355 9.62 12.07 -8.75
C VAL A 355 10.16 12.77 -10.02
N ALA A 356 10.66 13.98 -9.84
CA ALA A 356 11.17 14.79 -10.96
C ALA A 356 12.31 14.12 -11.73
N THR A 357 13.30 13.60 -11.02
CA THR A 357 14.42 12.92 -11.67
C THR A 357 14.03 11.60 -12.32
N ASP A 358 13.08 10.88 -11.70
CA ASP A 358 12.63 9.60 -12.24
C ASP A 358 11.80 9.79 -13.52
N LEU A 359 11.18 10.95 -13.65
CA LEU A 359 10.42 11.28 -14.86
C LEU A 359 11.22 12.17 -15.80
N GLY A 360 12.29 12.77 -15.27
CA GLY A 360 13.10 13.71 -16.04
C GLY A 360 12.36 14.99 -16.38
N VAL A 361 11.73 15.59 -15.38
CA VAL A 361 11.05 16.88 -15.53
C VAL A 361 11.55 17.82 -14.43
N PRO A 362 11.28 19.14 -14.55
CA PRO A 362 11.86 20.03 -13.54
C PRO A 362 11.24 19.88 -12.15
N PHE A 363 12.02 20.21 -11.14
CA PHE A 363 11.64 20.11 -9.74
C PHE A 363 11.66 21.50 -9.12
N THR A 364 10.64 21.82 -8.32
CA THR A 364 10.61 23.07 -7.59
C THR A 364 10.77 22.78 -6.10
N GLU A 365 11.79 23.37 -5.48
CA GLU A 365 12.02 23.20 -4.04
C GLU A 365 10.78 23.51 -3.22
N PRO A 366 10.37 22.56 -2.35
CA PRO A 366 9.17 22.71 -1.52
C PRO A 366 9.26 23.95 -0.66
N ALA A 367 10.47 24.34 -0.28
CA ALA A 367 10.68 25.52 0.55
C ALA A 367 10.12 26.78 -0.10
N SER A 368 10.13 26.83 -1.43
CA SER A 368 9.72 28.03 -2.16
C SER A 368 8.21 28.28 -2.07
N VAL A 369 7.43 27.24 -1.77
CA VAL A 369 5.98 27.40 -1.70
C VAL A 369 5.48 27.46 -0.26
N LEU A 370 6.33 27.06 0.68
CA LEU A 370 5.98 26.99 2.10
C LEU A 370 6.51 28.18 2.89
N ALA A 371 7.61 28.75 2.40
CA ALA A 371 8.31 29.84 3.09
C ALA A 371 8.52 31.02 2.14
#